data_5NS3
#
_entry.id   5NS3
#
_cell.length_a   95.043
_cell.length_b   123.895
_cell.length_c   51.201
_cell.angle_alpha   90.000
_cell.angle_beta   90.000
_cell.angle_gamma   90.000
#
_symmetry.space_group_name_H-M   'P 21 21 2'
#
loop_
_entity.id
_entity.type
_entity.pdbx_description
1 polymer '50S ribosomal protein L5'
2 polymer 'double-stranded RNA'
3 water water
#
loop_
_entity_poly.entity_id
_entity_poly.type
_entity_poly.pdbx_seq_one_letter_code
_entity_poly.pdbx_strand_id
1 'polypeptide(L)'
;VALKRKYYEEVRPELIRRFGYQNVWEVPRLEKVVINQGLGEAKEDARILEKAAQELALITGQKPAVTRAKKSISNFKLRK
GMPIGLRVTLRRDRMWIFLEKLLNVALPRIRDFRGLNPNSFDGRGNYNLGLREQLIFPEITYDMVDALRGMDIAVVTTAE
TDEEARALLELLGFPFR
;
A,B
2 'polyribonucleotide' (5CY)CGCACCUGACCCCAUGCCGAACUCAGAAGUGCG C,D
#
# COMPACT_ATOMS: atom_id res chain seq x y z
N VAL A 1 20.54 -4.29 -10.97
CA VAL A 1 20.02 -5.46 -11.75
C VAL A 1 20.45 -6.69 -11.01
N ALA A 2 21.74 -6.86 -10.74
CA ALA A 2 22.21 -8.01 -9.92
C ALA A 2 21.54 -8.06 -8.54
N LEU A 3 21.35 -6.88 -7.91
CA LEU A 3 20.77 -6.81 -6.59
C LEU A 3 19.29 -7.19 -6.63
N LYS A 4 18.61 -6.80 -7.69
CA LYS A 4 17.25 -7.18 -7.90
C LYS A 4 17.12 -8.71 -8.08
N ARG A 5 18.00 -9.28 -8.91
CA ARG A 5 17.98 -10.73 -9.13
C ARG A 5 18.14 -11.43 -7.78
N LYS A 6 19.07 -10.94 -6.97
CA LYS A 6 19.31 -11.50 -5.65
C LYS A 6 18.04 -11.48 -4.79
N TYR A 7 17.29 -10.37 -4.79
CA TYR A 7 16.01 -10.34 -4.16
C TYR A 7 15.07 -11.51 -4.54
N TYR A 8 14.85 -11.70 -5.85
CA TYR A 8 13.96 -12.77 -6.33
C TYR A 8 14.48 -14.19 -6.14
N GLU A 9 15.78 -14.39 -6.38
CA GLU A 9 16.34 -15.71 -6.35
C GLU A 9 16.71 -16.16 -4.92
N GLU A 10 17.23 -15.25 -4.11
CA GLU A 10 17.81 -15.58 -2.81
C GLU A 10 17.02 -15.04 -1.63
N VAL A 11 16.61 -13.76 -1.65
CA VAL A 11 16.06 -13.13 -0.44
C VAL A 11 14.60 -13.53 -0.21
N ARG A 12 13.80 -13.49 -1.26
CA ARG A 12 12.41 -13.78 -1.11
C ARG A 12 12.14 -15.21 -0.62
N PRO A 13 12.77 -16.23 -1.23
CA PRO A 13 12.57 -17.57 -0.63
C PRO A 13 13.05 -17.69 0.81
N GLU A 14 14.17 -17.08 1.17
CA GLU A 14 14.63 -17.17 2.55
C GLU A 14 13.67 -16.45 3.52
N LEU A 15 13.10 -15.32 3.11
CA LEU A 15 12.04 -14.68 3.93
C LEU A 15 10.80 -15.57 4.08
N ILE A 16 10.43 -16.29 3.03
CA ILE A 16 9.30 -17.21 3.11
C ILE A 16 9.60 -18.30 4.12
N ARG A 17 10.81 -18.84 4.10
CA ARG A 17 11.16 -19.91 5.04
C ARG A 17 11.23 -19.38 6.46
N ARG A 18 11.81 -18.19 6.64
CA ARG A 18 11.97 -17.65 7.99
C ARG A 18 10.69 -17.12 8.66
N PHE A 19 9.79 -16.47 7.91
CA PHE A 19 8.60 -15.85 8.51
C PHE A 19 7.27 -16.53 8.20
N GLY A 20 7.26 -17.53 7.32
CA GLY A 20 6.09 -18.37 7.07
C GLY A 20 5.02 -17.68 6.20
N TYR A 21 5.43 -16.74 5.35
CA TYR A 21 4.47 -16.11 4.43
C TYR A 21 3.85 -17.19 3.53
N GLN A 22 2.56 -17.16 3.35
CA GLN A 22 1.87 -18.19 2.52
C GLN A 22 1.80 -17.82 1.01
N ASN A 23 2.04 -16.56 0.63
CA ASN A 23 1.97 -16.15 -0.75
C ASN A 23 3.13 -15.20 -1.01
N VAL A 24 3.64 -15.16 -2.25
CA VAL A 24 4.80 -14.30 -2.57
C VAL A 24 4.56 -12.82 -2.43
N TRP A 25 3.33 -12.35 -2.64
CA TRP A 25 3.05 -10.90 -2.62
C TRP A 25 3.02 -10.35 -1.18
N GLU A 26 2.91 -11.24 -0.18
CA GLU A 26 3.01 -10.82 1.19
C GLU A 26 4.45 -10.55 1.65
N VAL A 27 5.42 -11.05 0.91
CA VAL A 27 6.84 -10.94 1.35
C VAL A 27 7.28 -9.49 1.28
N PRO A 28 7.96 -8.95 2.33
CA PRO A 28 8.52 -7.62 2.24
C PRO A 28 9.36 -7.42 0.95
N ARG A 29 9.22 -6.22 0.37
CA ARG A 29 9.93 -5.82 -0.85
C ARG A 29 10.19 -4.32 -0.79
N LEU A 30 11.31 -3.89 -1.34
CA LEU A 30 11.67 -2.48 -1.33
C LEU A 30 10.61 -1.80 -2.13
N GLU A 31 10.15 -0.64 -1.68
CA GLU A 31 9.15 0.18 -2.39
C GLU A 31 9.88 1.41 -3.05
N LYS A 32 10.70 2.12 -2.29
CA LYS A 32 11.37 3.31 -2.79
C LYS A 32 12.53 3.67 -1.91
N VAL A 33 13.45 4.42 -2.47
CA VAL A 33 14.54 5.00 -1.74
C VAL A 33 14.45 6.52 -1.93
N VAL A 34 14.31 7.29 -0.85
CA VAL A 34 14.19 8.74 -1.01
C VAL A 34 15.53 9.33 -0.57
N ILE A 35 16.11 10.15 -1.42
CA ILE A 35 17.41 10.83 -1.11
C ILE A 35 17.11 12.29 -1.01
N ASN A 36 17.41 12.87 0.15
CA ASN A 36 17.38 14.33 0.32
C ASN A 36 18.80 14.86 0.60
N GLN A 37 19.26 15.81 -0.21
CA GLN A 37 20.60 16.44 -0.10
C GLN A 37 20.38 17.85 0.45
N GLY A 38 20.65 18.01 1.74
CA GLY A 38 20.54 19.32 2.36
C GLY A 38 21.57 20.33 1.83
N LEU A 39 21.23 21.61 1.95
CA LEU A 39 22.10 22.73 1.58
C LEU A 39 22.18 23.68 2.78
N ILE A 48 26.60 26.21 -8.29
CA ILE A 48 26.31 26.17 -6.87
C ILE A 48 25.21 25.11 -6.60
N LEU A 49 23.93 25.53 -6.62
CA LEU A 49 22.77 24.66 -6.75
C LEU A 49 22.82 23.86 -8.05
N GLU A 50 23.13 24.54 -9.15
CA GLU A 50 23.36 23.92 -10.46
C GLU A 50 24.30 22.70 -10.38
N LYS A 51 25.44 22.89 -9.73
CA LYS A 51 26.45 21.82 -9.58
C LYS A 51 25.98 20.68 -8.66
N ALA A 52 25.42 21.01 -7.50
CA ALA A 52 24.91 20.02 -6.59
C ALA A 52 23.82 19.16 -7.24
N ALA A 53 22.98 19.82 -8.04
CA ALA A 53 21.90 19.12 -8.73
C ALA A 53 22.43 18.17 -9.82
N GLN A 54 23.42 18.62 -10.60
CA GLN A 54 24.02 17.76 -11.65
C GLN A 54 24.74 16.55 -11.08
N GLU A 55 25.44 16.71 -9.95
CA GLU A 55 26.12 15.60 -9.29
C GLU A 55 25.08 14.60 -8.74
N LEU A 56 24.06 15.10 -8.05
CA LEU A 56 23.00 14.21 -7.52
C LEU A 56 22.25 13.49 -8.65
N ALA A 57 21.97 14.20 -9.74
CA ALA A 57 21.43 13.60 -10.98
C ALA A 57 22.31 12.50 -11.58
N LEU A 58 23.61 12.73 -11.63
CA LEU A 58 24.58 11.77 -12.15
C LEU A 58 24.63 10.49 -11.32
N ILE A 59 24.65 10.62 -10.00
CA ILE A 59 24.70 9.45 -9.11
C ILE A 59 23.39 8.67 -8.97
N THR A 60 22.26 9.30 -9.27
CA THR A 60 20.94 8.64 -9.15
C THR A 60 20.32 8.30 -10.50
N GLY A 61 20.79 8.92 -11.57
CA GLY A 61 20.17 8.76 -12.86
C GLY A 61 18.78 9.43 -12.93
N GLN A 62 18.49 10.37 -12.03
CA GLN A 62 17.20 11.02 -12.01
C GLN A 62 17.29 12.52 -11.71
N LYS A 63 16.36 13.29 -12.27
CA LYS A 63 16.33 14.75 -12.09
C LYS A 63 15.87 15.12 -10.66
N PRO A 64 16.74 15.81 -9.87
CA PRO A 64 16.31 16.18 -8.53
C PRO A 64 15.27 17.30 -8.51
N ALA A 65 14.31 17.22 -7.60
CA ALA A 65 13.42 18.35 -7.30
C ALA A 65 14.15 19.30 -6.35
N VAL A 66 13.93 20.60 -6.52
CA VAL A 66 14.47 21.59 -5.59
C VAL A 66 13.41 21.83 -4.49
N THR A 67 13.79 21.56 -3.23
CA THR A 67 12.91 21.80 -2.10
C THR A 67 13.22 23.23 -1.64
N ARG A 68 12.16 24.00 -1.46
CA ARG A 68 12.23 25.42 -1.10
C ARG A 68 11.55 25.64 0.25
N ALA A 69 12.04 26.59 1.04
CA ALA A 69 11.43 26.89 2.34
C ALA A 69 10.14 27.64 2.13
N PRO A 83 15.66 27.90 -1.48
CA PRO A 83 16.24 26.63 -1.95
C PRO A 83 17.06 26.07 -0.84
N ILE A 84 16.61 25.01 -0.22
CA ILE A 84 17.33 24.47 0.89
C ILE A 84 17.67 23.03 0.76
N GLY A 85 17.28 22.46 -0.36
CA GLY A 85 17.50 21.04 -0.53
C GLY A 85 17.15 20.49 -1.89
N LEU A 86 17.65 19.28 -2.15
CA LEU A 86 17.45 18.61 -3.41
C LEU A 86 16.96 17.23 -3.05
N ARG A 87 15.97 16.76 -3.77
CA ARG A 87 15.32 15.47 -3.40
C ARG A 87 15.08 14.59 -4.62
N VAL A 88 15.34 13.28 -4.48
CA VAL A 88 14.91 12.34 -5.49
C VAL A 88 14.16 11.18 -4.83
N THR A 89 13.12 10.72 -5.49
CA THR A 89 12.43 9.48 -5.09
C THR A 89 12.74 8.39 -6.11
N LEU A 90 13.51 7.38 -5.72
CA LEU A 90 13.91 6.33 -6.66
C LEU A 90 13.01 5.14 -6.45
N ARG A 91 12.51 4.58 -7.53
CA ARG A 91 11.67 3.37 -7.49
C ARG A 91 12.21 2.46 -8.58
N ARG A 92 11.80 1.22 -8.59
CA ARG A 92 12.08 0.32 -9.70
C ARG A 92 13.61 0.23 -10.04
N ASP A 93 14.01 0.23 -11.30
CA ASP A 93 15.40 -0.15 -11.59
C ASP A 93 16.38 0.91 -11.13
N ARG A 94 16.02 2.20 -11.17
CA ARG A 94 16.88 3.27 -10.59
C ARG A 94 17.09 3.09 -9.10
N MET A 95 16.06 2.60 -8.39
CA MET A 95 16.25 2.28 -7.01
C MET A 95 17.33 1.19 -6.83
N TRP A 96 17.19 0.09 -7.56
CA TRP A 96 18.12 -1.07 -7.40
C TRP A 96 19.54 -0.72 -7.83
N ILE A 97 19.67 0.00 -8.92
CA ILE A 97 20.99 0.40 -9.43
C ILE A 97 21.69 1.32 -8.41
N PHE A 98 20.99 2.29 -7.86
CA PHE A 98 21.57 3.13 -6.84
C PHE A 98 22.01 2.35 -5.58
N LEU A 99 21.15 1.47 -5.10
CA LEU A 99 21.48 0.63 -3.94
C LEU A 99 22.73 -0.21 -4.16
N GLU A 100 22.85 -0.77 -5.35
CA GLU A 100 23.96 -1.62 -5.68
C GLU A 100 25.27 -0.79 -5.64
N LYS A 101 25.22 0.43 -6.15
CA LYS A 101 26.31 1.40 -6.00
C LYS A 101 26.60 1.75 -4.56
N LEU A 102 25.57 1.98 -3.75
CA LEU A 102 25.79 2.29 -2.35
C LEU A 102 26.49 1.13 -1.61
N LEU A 103 26.01 -0.09 -1.80
CA LEU A 103 26.56 -1.23 -1.07
C LEU A 103 27.97 -1.63 -1.58
N ASN A 104 28.16 -1.62 -2.90
CA ASN A 104 29.38 -2.14 -3.53
C ASN A 104 30.50 -1.10 -3.69
N VAL A 105 30.16 0.17 -3.78
CA VAL A 105 31.14 1.22 -4.10
C VAL A 105 31.29 2.21 -2.95
N ALA A 106 30.19 2.86 -2.56
CA ALA A 106 30.28 4.02 -1.67
C ALA A 106 30.61 3.62 -0.25
N LEU A 107 29.84 2.71 0.32
CA LEU A 107 30.02 2.37 1.73
C LEU A 107 31.39 1.77 2.06
N PRO A 108 31.89 0.86 1.22
CA PRO A 108 33.18 0.28 1.54
C PRO A 108 34.36 1.27 1.48
N ARG A 109 34.09 2.47 1.02
CA ARG A 109 35.05 3.51 1.03
C ARG A 109 34.69 4.42 2.19
N ILE A 110 34.75 3.91 3.40
CA ILE A 110 34.44 4.70 4.57
C ILE A 110 35.05 4.08 5.80
N ARG A 111 35.65 4.89 6.65
CA ARG A 111 36.23 4.38 7.88
C ARG A 111 36.52 5.51 8.80
N GLY A 115 30.31 -0.12 9.35
CA GLY A 115 29.04 -0.82 9.10
C GLY A 115 27.82 -0.11 9.65
N LEU A 116 26.66 -0.44 9.08
CA LEU A 116 25.41 0.26 9.37
C LEU A 116 24.82 -0.05 10.72
N ASN A 117 24.15 0.94 11.30
CA ASN A 117 23.55 0.86 12.63
C ASN A 117 22.26 0.03 12.49
N PRO A 118 22.16 -1.11 13.21
CA PRO A 118 20.97 -1.95 13.07
C PRO A 118 19.73 -1.41 13.78
N ASN A 119 19.87 -0.39 14.63
CA ASN A 119 18.74 0.20 15.34
C ASN A 119 18.06 1.34 14.56
N SER A 120 18.56 1.71 13.37
CA SER A 120 18.05 2.94 12.67
C SER A 120 16.76 2.74 11.84
N PHE A 121 15.90 1.87 12.31
CA PHE A 121 14.58 1.63 11.67
C PHE A 121 13.57 2.52 12.33
N ASP A 122 12.61 3.00 11.56
CA ASP A 122 11.66 3.99 12.05
C ASP A 122 10.46 3.45 12.83
N GLY A 123 10.44 2.14 13.15
CA GLY A 123 9.29 1.54 13.85
C GLY A 123 8.17 1.03 12.92
N ARG A 124 8.22 1.38 11.64
CA ARG A 124 7.20 1.00 10.65
C ARG A 124 7.83 0.30 9.47
N GLY A 125 9.00 -0.30 9.63
CA GLY A 125 9.62 -1.05 8.54
C GLY A 125 10.51 -0.26 7.57
N ASN A 126 10.92 0.97 7.90
CA ASN A 126 11.74 1.75 7.00
C ASN A 126 13.08 2.03 7.66
N TYR A 127 14.14 2.08 6.89
CA TYR A 127 15.50 2.28 7.42
C TYR A 127 15.99 3.69 7.04
N ASN A 128 16.69 4.35 7.94
CA ASN A 128 17.13 5.74 7.71
C ASN A 128 18.64 5.74 7.85
N LEU A 129 19.32 6.38 6.89
CA LEU A 129 20.77 6.51 6.90
C LEU A 129 21.19 7.92 6.45
N GLY A 130 22.00 8.59 7.27
CA GLY A 130 22.46 9.93 6.98
C GLY A 130 23.97 9.90 6.75
N LEU A 131 24.40 10.54 5.68
CA LEU A 131 25.81 10.59 5.28
C LEU A 131 26.39 12.00 5.22
N GLY A 150 24.56 17.49 4.73
CA GLY A 150 24.21 16.08 4.98
C GLY A 150 23.23 15.42 3.99
N MET A 151 23.48 14.14 3.67
CA MET A 151 22.63 13.40 2.71
C MET A 151 21.80 12.41 3.51
N ASP A 152 20.47 12.57 3.52
CA ASP A 152 19.54 11.66 4.20
C ASP A 152 18.90 10.66 3.25
N ILE A 153 18.89 9.41 3.63
CA ILE A 153 18.40 8.40 2.74
C ILE A 153 17.38 7.64 3.51
N ALA A 154 16.22 7.51 2.91
CA ALA A 154 15.13 6.71 3.45
C ALA A 154 14.93 5.49 2.55
N VAL A 155 15.11 4.29 3.09
CA VAL A 155 14.81 3.03 2.39
C VAL A 155 13.46 2.56 2.89
N VAL A 156 12.41 2.68 2.06
CA VAL A 156 11.07 2.42 2.44
C VAL A 156 10.71 1.06 1.90
N THR A 157 10.25 0.19 2.78
CA THR A 157 9.91 -1.17 2.38
C THR A 157 8.42 -1.41 2.65
N THR A 158 7.92 -2.55 2.20
CA THR A 158 6.53 -2.91 2.51
C THR A 158 6.48 -3.76 3.76
N ALA A 159 7.59 -3.96 4.47
CA ALA A 159 7.54 -4.73 5.75
C ALA A 159 6.78 -3.85 6.70
N GLU A 160 5.99 -4.47 7.53
CA GLU A 160 5.23 -3.73 8.53
C GLU A 160 5.95 -3.61 9.87
N THR A 161 7.01 -4.41 10.09
CA THR A 161 7.79 -4.38 11.33
C THR A 161 9.26 -4.15 11.03
N ASP A 162 9.96 -3.60 12.01
CA ASP A 162 11.39 -3.40 11.92
C ASP A 162 12.11 -4.72 11.74
N GLU A 163 11.66 -5.76 12.45
CA GLU A 163 12.28 -7.08 12.42
C GLU A 163 12.29 -7.63 11.00
N GLU A 164 11.16 -7.57 10.29
CA GLU A 164 11.13 -8.07 8.91
C GLU A 164 11.95 -7.22 7.95
N ALA A 165 11.95 -5.90 8.17
CA ALA A 165 12.68 -4.99 7.33
C ALA A 165 14.18 -5.27 7.50
N ARG A 166 14.58 -5.48 8.74
CA ARG A 166 15.95 -5.80 9.04
C ARG A 166 16.40 -7.07 8.27
N ALA A 167 15.60 -8.13 8.34
CA ALA A 167 15.89 -9.37 7.64
C ALA A 167 15.98 -9.15 6.13
N LEU A 168 15.06 -8.38 5.56
CA LEU A 168 15.14 -8.06 4.14
C LEU A 168 16.46 -7.36 3.75
N LEU A 169 16.84 -6.32 4.47
CA LEU A 169 17.99 -5.54 4.08
C LEU A 169 19.33 -6.28 4.36
N GLU A 170 19.41 -7.00 5.48
CA GLU A 170 20.53 -7.90 5.78
C GLU A 170 20.74 -8.94 4.68
N LEU A 171 19.68 -9.62 4.28
CA LEU A 171 19.78 -10.67 3.26
C LEU A 171 20.09 -10.09 1.89
N LEU A 172 19.71 -8.84 1.64
CA LEU A 172 20.15 -8.15 0.41
C LEU A 172 21.65 -7.75 0.46
N GLY A 173 22.30 -7.84 1.62
CA GLY A 173 23.74 -7.55 1.75
C GLY A 173 24.11 -6.22 2.40
N PHE A 174 23.13 -5.53 3.03
CA PHE A 174 23.42 -4.31 3.78
C PHE A 174 24.32 -4.67 4.96
N PRO A 175 25.48 -4.01 5.09
CA PRO A 175 26.42 -4.45 6.12
C PRO A 175 26.13 -3.83 7.48
N PHE A 176 25.32 -4.52 8.30
CA PHE A 176 25.01 -4.08 9.65
C PHE A 176 26.04 -4.50 10.71
N ARG A 177 25.88 -3.89 11.89
CA ARG A 177 26.55 -4.20 13.15
C ARG A 177 27.72 -3.29 13.21
N VAL B 1 -19.12 8.04 12.61
CA VAL B 1 -19.87 7.07 11.75
C VAL B 1 -19.82 5.69 12.41
N ALA B 2 -21.00 5.12 12.58
CA ALA B 2 -21.16 3.94 13.46
C ALA B 2 -20.37 2.74 12.95
N LEU B 3 -20.30 2.55 11.63
CA LEU B 3 -19.60 1.40 11.07
C LEU B 3 -18.10 1.55 11.27
N LYS B 4 -17.60 2.77 11.19
CA LYS B 4 -16.21 3.04 11.47
C LYS B 4 -15.89 2.74 12.94
N ARG B 5 -16.68 3.27 13.86
CA ARG B 5 -16.55 2.98 15.29
C ARG B 5 -16.49 1.46 15.54
N LYS B 6 -17.37 0.72 14.87
CA LYS B 6 -17.42 -0.73 15.00
C LYS B 6 -16.10 -1.37 14.57
N TYR B 7 -15.54 -0.92 13.42
CA TYR B 7 -14.20 -1.35 13.05
C TYR B 7 -13.16 -1.22 14.17
N TYR B 8 -13.04 -0.02 14.76
CA TYR B 8 -12.04 0.24 15.81
C TYR B 8 -12.33 -0.43 17.15
N GLU B 9 -13.59 -0.42 17.56
CA GLU B 9 -13.95 -0.94 18.87
C GLU B 9 -14.11 -2.46 18.87
N GLU B 10 -14.69 -3.03 17.81
CA GLU B 10 -15.08 -4.45 17.79
C GLU B 10 -14.30 -5.31 16.80
N VAL B 11 -14.12 -4.85 15.55
CA VAL B 11 -13.53 -5.71 14.51
C VAL B 11 -11.99 -5.83 14.65
N ARG B 12 -11.31 -4.73 14.89
CA ARG B 12 -9.88 -4.74 14.94
C ARG B 12 -9.36 -5.61 16.10
N PRO B 13 -9.89 -5.43 17.33
CA PRO B 13 -9.47 -6.39 18.38
C PRO B 13 -9.79 -7.85 18.06
N GLU B 14 -10.94 -8.15 17.48
CA GLU B 14 -11.24 -9.55 17.15
C GLU B 14 -10.28 -10.11 16.06
N LEU B 15 -9.91 -9.28 15.08
CA LEU B 15 -8.89 -9.71 14.11
C LEU B 15 -7.53 -9.95 14.78
N ILE B 16 -7.18 -9.12 15.75
CA ILE B 16 -5.93 -9.33 16.47
C ILE B 16 -5.99 -10.66 17.20
N ARG B 17 -7.10 -10.95 17.84
CA ARG B 17 -7.22 -12.21 18.61
C ARG B 17 -7.21 -13.40 17.67
N ARG B 18 -7.91 -13.32 16.53
CA ARG B 18 -7.97 -14.44 15.63
C ARG B 18 -6.68 -14.76 14.82
N PHE B 19 -5.97 -13.73 14.35
CA PHE B 19 -4.80 -13.93 13.48
C PHE B 19 -3.44 -13.65 14.10
N GLY B 20 -3.41 -13.05 15.28
CA GLY B 20 -2.18 -12.86 16.05
C GLY B 20 -1.31 -11.71 15.55
N TYR B 21 -1.92 -10.70 14.94
CA TYR B 21 -1.13 -9.53 14.50
C TYR B 21 -0.47 -8.85 15.71
N GLN B 22 0.80 -8.51 15.63
CA GLN B 22 1.49 -7.89 16.77
C GLN B 22 1.38 -6.37 16.85
N ASN B 23 0.96 -5.68 15.78
CA ASN B 23 0.84 -4.23 15.82
C ASN B 23 -0.45 -3.84 15.14
N VAL B 24 -1.04 -2.73 15.55
CA VAL B 24 -2.37 -2.34 15.02
C VAL B 24 -2.40 -2.02 13.51
N TRP B 25 -1.29 -1.52 12.98
CA TRP B 25 -1.22 -1.11 11.56
C TRP B 25 -1.12 -2.33 10.64
N GLU B 26 -0.78 -3.50 11.17
CA GLU B 26 -0.79 -4.72 10.38
C GLU B 26 -2.18 -5.29 10.17
N VAL B 27 -3.17 -4.86 10.96
CA VAL B 27 -4.50 -5.44 10.89
C VAL B 27 -5.18 -5.02 9.58
N PRO B 28 -5.83 -5.96 8.85
CA PRO B 28 -6.60 -5.56 7.67
C PRO B 28 -7.56 -4.40 7.94
N ARG B 29 -7.65 -3.48 6.99
CA ARG B 29 -8.52 -2.31 7.07
C ARG B 29 -8.95 -1.88 5.66
N LEU B 30 -10.22 -1.52 5.52
CA LEU B 30 -10.78 -1.08 4.27
C LEU B 30 -9.91 0.03 3.78
N GLU B 31 -9.61 0.02 2.49
CA GLU B 31 -8.84 1.10 1.82
C GLU B 31 -9.82 1.98 1.00
N LYS B 32 -10.68 1.38 0.21
CA LYS B 32 -11.59 2.13 -0.63
C LYS B 32 -12.69 1.23 -1.13
N VAL B 33 -13.80 1.85 -1.51
CA VAL B 33 -14.87 1.15 -2.16
C VAL B 33 -15.10 1.84 -3.52
N VAL B 34 -15.01 1.10 -4.62
CA VAL B 34 -15.15 1.74 -5.92
C VAL B 34 -16.52 1.25 -6.44
N ILE B 35 -17.35 2.18 -6.86
CA ILE B 35 -18.69 1.89 -7.40
C ILE B 35 -18.65 2.28 -8.85
N ASN B 36 -18.97 1.31 -9.71
CA ASN B 36 -19.06 1.50 -11.14
C ASN B 36 -20.47 1.21 -11.63
N ILE B 48 -30.77 10.67 -18.52
CA ILE B 48 -30.25 9.31 -18.78
C ILE B 48 -28.94 9.09 -18.02
N LEU B 49 -27.81 9.52 -18.60
CA LEU B 49 -26.54 9.72 -17.88
C LEU B 49 -26.72 10.79 -16.80
N GLU B 50 -27.36 11.91 -17.14
CA GLU B 50 -27.73 12.99 -16.22
C GLU B 50 -28.37 12.42 -14.93
N LYS B 51 -29.38 11.59 -15.12
CA LYS B 51 -30.13 11.00 -14.00
C LYS B 51 -29.32 10.00 -13.17
N ALA B 52 -28.64 9.09 -13.85
CA ALA B 52 -27.76 8.13 -13.15
C ALA B 52 -26.69 8.85 -12.35
N ALA B 53 -26.15 9.94 -12.90
CA ALA B 53 -25.11 10.69 -12.21
C ALA B 53 -25.65 11.41 -10.97
N GLN B 54 -26.83 12.03 -11.08
CA GLN B 54 -27.44 12.74 -9.93
C GLN B 54 -27.79 11.77 -8.78
N GLU B 55 -28.32 10.59 -9.13
CA GLU B 55 -28.68 9.59 -8.14
C GLU B 55 -27.41 9.05 -7.46
N LEU B 56 -26.40 8.69 -8.26
CA LEU B 56 -25.15 8.14 -7.73
C LEU B 56 -24.43 9.15 -6.87
N ALA B 57 -24.41 10.42 -7.29
CA ALA B 57 -23.91 11.52 -6.45
C ALA B 57 -24.64 11.69 -5.12
N LEU B 58 -25.98 11.61 -5.15
CA LEU B 58 -26.81 11.73 -3.97
C LEU B 58 -26.54 10.60 -2.97
N ILE B 59 -26.45 9.36 -3.43
CA ILE B 59 -26.27 8.23 -2.51
C ILE B 59 -24.82 8.07 -2.01
N THR B 60 -23.84 8.66 -2.69
CA THR B 60 -22.44 8.56 -2.29
C THR B 60 -21.89 9.84 -1.69
N GLY B 61 -22.53 10.98 -1.95
CA GLY B 61 -21.99 12.24 -1.54
C GLY B 61 -20.74 12.63 -2.30
N GLN B 62 -20.55 12.05 -3.50
CA GLN B 62 -19.37 12.34 -4.30
C GLN B 62 -19.68 12.44 -5.79
N LYS B 63 -18.93 13.30 -6.48
CA LYS B 63 -19.15 13.55 -7.91
C LYS B 63 -18.64 12.36 -8.75
N PRO B 64 -19.53 11.68 -9.50
CA PRO B 64 -19.03 10.56 -10.32
C PRO B 64 -18.21 10.99 -11.52
N ALA B 65 -17.16 10.24 -11.85
CA ALA B 65 -16.41 10.43 -13.11
C ALA B 65 -17.19 9.71 -14.21
N VAL B 66 -17.17 10.27 -15.39
CA VAL B 66 -17.78 9.61 -16.56
C VAL B 66 -16.66 8.79 -17.23
N THR B 67 -16.89 7.50 -17.40
CA THR B 67 -16.06 6.63 -18.22
C THR B 67 -16.57 6.77 -19.66
N ARG B 68 -15.68 7.07 -20.59
CA ARG B 68 -16.01 7.30 -21.99
C ARG B 68 -15.23 6.33 -22.86
N ALA B 69 -15.79 5.94 -24.01
CA ALA B 69 -15.09 5.00 -24.91
C ALA B 69 -13.70 5.51 -25.40
N LYS B 70 -12.71 4.60 -25.37
CA LYS B 70 -11.32 4.90 -25.81
C LYS B 70 -11.00 4.52 -27.27
N LYS B 80 -13.89 7.33 -29.18
CA LYS B 80 -15.25 7.74 -29.50
C LYS B 80 -15.83 8.73 -28.49
N GLY B 81 -15.46 8.59 -27.21
CA GLY B 81 -15.92 9.51 -26.20
C GLY B 81 -17.41 9.44 -25.83
N MET B 82 -18.20 8.50 -26.37
CA MET B 82 -19.56 8.24 -25.86
C MET B 82 -19.48 7.69 -24.39
N PRO B 83 -20.45 8.09 -23.53
CA PRO B 83 -20.40 7.70 -22.11
C PRO B 83 -20.79 6.25 -21.96
N ILE B 84 -19.96 5.46 -21.30
CA ILE B 84 -20.24 4.03 -21.14
C ILE B 84 -20.38 3.63 -19.68
N GLY B 85 -20.11 4.55 -18.78
CA GLY B 85 -20.34 4.31 -17.35
C GLY B 85 -19.90 5.48 -16.46
N LEU B 86 -20.11 5.26 -15.18
CA LEU B 86 -19.96 6.24 -14.15
C LEU B 86 -19.20 5.53 -13.07
N ARG B 87 -18.21 6.20 -12.48
CA ARG B 87 -17.43 5.58 -11.42
C ARG B 87 -17.23 6.55 -10.24
N VAL B 88 -17.26 6.04 -9.01
CA VAL B 88 -16.94 6.81 -7.85
C VAL B 88 -16.00 5.99 -6.97
N THR B 89 -14.92 6.60 -6.51
CA THR B 89 -13.97 5.94 -5.61
C THR B 89 -14.13 6.57 -4.21
N LEU B 90 -14.67 5.81 -3.26
CA LEU B 90 -14.96 6.34 -1.96
C LEU B 90 -13.86 5.92 -0.99
N ARG B 91 -13.41 6.89 -0.21
CA ARG B 91 -12.35 6.67 0.75
C ARG B 91 -12.84 7.28 2.04
N ARG B 92 -12.22 6.93 3.16
CA ARG B 92 -12.48 7.69 4.40
C ARG B 92 -13.96 7.72 4.80
N ASP B 93 -14.48 8.81 5.31
CA ASP B 93 -15.82 8.78 5.89
C ASP B 93 -16.90 8.56 4.88
N ARG B 94 -16.74 9.05 3.65
CA ARG B 94 -17.77 8.70 2.57
C ARG B 94 -17.79 7.21 2.28
N MET B 95 -16.64 6.56 2.37
CA MET B 95 -16.62 5.13 2.24
C MET B 95 -17.46 4.45 3.35
N TRP B 96 -17.22 4.84 4.60
CA TRP B 96 -17.92 4.20 5.76
C TRP B 96 -19.40 4.47 5.78
N ILE B 97 -19.77 5.72 5.48
CA ILE B 97 -21.17 6.10 5.43
C ILE B 97 -21.93 5.33 4.35
N PHE B 98 -21.34 5.23 3.16
CA PHE B 98 -21.98 4.46 2.10
C PHE B 98 -22.12 2.98 2.47
N LEU B 99 -21.05 2.37 3.00
CA LEU B 99 -21.13 0.97 3.40
C LEU B 99 -22.19 0.70 4.41
N GLU B 100 -22.36 1.59 5.37
CA GLU B 100 -23.34 1.41 6.42
C GLU B 100 -24.75 1.37 5.82
N LYS B 101 -25.01 2.28 4.86
CA LYS B 101 -26.24 2.24 4.07
C LYS B 101 -26.39 0.95 3.26
N LEU B 102 -25.32 0.51 2.61
CA LEU B 102 -25.38 -0.71 1.82
C LEU B 102 -25.73 -1.93 2.70
N LEU B 103 -25.04 -2.07 3.81
CA LEU B 103 -25.22 -3.27 4.65
C LEU B 103 -26.52 -3.25 5.42
N ASN B 104 -26.92 -2.07 5.94
CA ASN B 104 -28.09 -1.95 6.81
C ASN B 104 -29.40 -1.74 6.09
N VAL B 105 -29.38 -1.13 4.91
CA VAL B 105 -30.59 -0.72 4.23
C VAL B 105 -30.75 -1.44 2.89
N ALA B 106 -29.81 -1.31 2.00
CA ALA B 106 -30.00 -1.74 0.60
C ALA B 106 -30.01 -3.25 0.46
N LEU B 107 -28.98 -3.91 0.96
CA LEU B 107 -28.83 -5.35 0.73
C LEU B 107 -29.98 -6.17 1.37
N PRO B 108 -30.34 -5.84 2.60
CA PRO B 108 -31.35 -6.67 3.22
C PRO B 108 -32.77 -6.48 2.61
N ARG B 109 -32.97 -5.42 1.81
CA ARG B 109 -34.21 -5.13 1.16
C ARG B 109 -34.25 -5.66 -0.22
N ILE B 110 -33.17 -6.25 -0.72
CA ILE B 110 -33.24 -6.92 -2.02
C ILE B 110 -34.36 -7.99 -1.86
N ARG B 111 -35.31 -7.98 -2.78
CA ARG B 111 -36.25 -9.08 -2.93
C ARG B 111 -35.48 -10.36 -3.24
N PHE B 113 -33.52 -11.86 -1.23
CA PHE B 113 -32.06 -11.79 -0.87
C PHE B 113 -31.61 -13.09 -0.26
N ARG B 114 -30.56 -13.66 -0.82
CA ARG B 114 -30.04 -14.94 -0.33
C ARG B 114 -28.68 -14.76 0.42
N GLY B 115 -28.19 -13.53 0.47
CA GLY B 115 -26.85 -13.29 1.05
C GLY B 115 -25.77 -13.20 -0.02
N LEU B 116 -24.66 -12.55 0.34
CA LEU B 116 -23.51 -12.40 -0.55
C LEU B 116 -22.73 -13.67 -0.79
N ASN B 117 -22.15 -13.77 -1.99
CA ASN B 117 -21.41 -14.94 -2.43
C ASN B 117 -20.04 -14.95 -1.74
N PRO B 118 -19.73 -15.99 -0.96
CA PRO B 118 -18.47 -16.02 -0.25
C PRO B 118 -17.25 -16.37 -1.15
N ASN B 119 -17.47 -16.83 -2.37
CA ASN B 119 -16.40 -17.16 -3.31
C ASN B 119 -15.97 -15.96 -4.19
N SER B 120 -16.51 -14.74 -3.97
CA SER B 120 -16.21 -13.58 -4.87
C SER B 120 -15.05 -12.73 -4.45
N PHE B 121 -14.07 -13.32 -3.76
CA PHE B 121 -12.81 -12.63 -3.48
C PHE B 121 -11.85 -12.79 -4.63
N ASP B 122 -11.04 -11.78 -4.89
CA ASP B 122 -10.20 -11.79 -6.08
C ASP B 122 -8.87 -12.53 -5.92
N GLY B 123 -8.62 -13.20 -4.79
CA GLY B 123 -7.33 -13.89 -4.57
C GLY B 123 -6.25 -13.02 -3.90
N ARG B 124 -6.48 -11.72 -3.82
CA ARG B 124 -5.51 -10.77 -3.25
C ARG B 124 -6.14 -9.96 -2.15
N GLY B 125 -7.23 -10.45 -1.54
CA GLY B 125 -7.83 -9.73 -0.41
C GLY B 125 -8.89 -8.67 -0.73
N ASN B 126 -9.44 -8.66 -1.94
CA ASN B 126 -10.47 -7.70 -2.29
C ASN B 126 -11.74 -8.43 -2.68
N TYR B 127 -12.89 -7.79 -2.49
CA TYR B 127 -14.17 -8.47 -2.73
C TYR B 127 -14.90 -7.73 -3.86
N ASN B 128 -15.60 -8.45 -4.74
CA ASN B 128 -16.37 -7.82 -5.79
C ASN B 128 -17.77 -8.28 -5.78
N LEU B 129 -18.73 -7.36 -5.92
CA LEU B 129 -20.13 -7.74 -6.14
C LEU B 129 -20.81 -6.82 -7.12
N GLY B 130 -21.81 -7.35 -7.76
CA GLY B 130 -22.64 -6.63 -8.72
C GLY B 130 -24.06 -6.77 -8.29
N LEU B 131 -24.80 -5.67 -8.40
CA LEU B 131 -26.23 -5.60 -8.07
C LEU B 131 -26.97 -5.08 -9.29
N GLY B 150 -26.43 -2.34 -14.43
CA GLY B 150 -25.85 -3.00 -13.19
C GLY B 150 -24.89 -2.14 -12.36
N MET B 151 -24.98 -2.18 -11.03
CA MET B 151 -24.04 -1.46 -10.15
C MET B 151 -22.99 -2.45 -9.60
N ASP B 152 -21.74 -2.27 -9.95
CA ASP B 152 -20.62 -3.15 -9.53
C ASP B 152 -19.81 -2.46 -8.42
N ILE B 153 -19.41 -3.21 -7.41
CA ILE B 153 -18.81 -2.64 -6.29
C ILE B 153 -17.54 -3.42 -6.04
N ALA B 154 -16.44 -2.68 -5.90
CA ALA B 154 -15.17 -3.24 -5.53
C ALA B 154 -14.79 -2.76 -4.12
N VAL B 155 -14.63 -3.70 -3.19
CA VAL B 155 -14.25 -3.40 -1.82
C VAL B 155 -12.76 -3.79 -1.72
N VAL B 156 -11.86 -2.79 -1.60
CA VAL B 156 -10.44 -3.02 -1.62
C VAL B 156 -9.97 -2.90 -0.18
N THR B 157 -9.31 -3.94 0.31
CA THR B 157 -8.79 -3.92 1.67
C THR B 157 -7.29 -4.08 1.66
N THR B 158 -6.67 -3.92 2.83
CA THR B 158 -5.23 -4.14 2.93
C THR B 158 -4.94 -5.55 3.35
N ALA B 159 -5.94 -6.45 3.40
CA ALA B 159 -5.63 -7.87 3.75
C ALA B 159 -4.88 -8.41 2.56
N GLU B 160 -3.93 -9.27 2.80
CA GLU B 160 -3.15 -9.86 1.74
C GLU B 160 -3.67 -11.20 1.27
N THR B 161 -4.57 -11.81 2.03
CA THR B 161 -5.23 -13.09 1.64
C THR B 161 -6.73 -12.96 1.65
N ASP B 162 -7.39 -13.81 0.87
CA ASP B 162 -8.84 -13.85 0.86
C ASP B 162 -9.38 -14.20 2.23
N GLU B 163 -8.70 -15.13 2.93
CA GLU B 163 -9.17 -15.61 4.26
C GLU B 163 -9.24 -14.42 5.22
N GLU B 164 -8.19 -13.57 5.27
CA GLU B 164 -8.22 -12.41 6.18
C GLU B 164 -9.28 -11.38 5.76
N ALA B 165 -9.46 -11.21 4.45
CA ALA B 165 -10.41 -10.25 3.94
C ALA B 165 -11.82 -10.72 4.27
N ARG B 166 -12.05 -12.00 4.13
CA ARG B 166 -13.32 -12.59 4.49
C ARG B 166 -13.65 -12.30 5.96
N ALA B 167 -12.69 -12.55 6.86
CA ALA B 167 -12.89 -12.28 8.27
C ALA B 167 -13.19 -10.81 8.54
N LEU B 168 -12.44 -9.89 7.90
CA LEU B 168 -12.74 -8.48 8.04
C LEU B 168 -14.19 -8.13 7.62
N LEU B 169 -14.61 -8.56 6.45
CA LEU B 169 -15.90 -8.14 5.92
C LEU B 169 -17.09 -8.81 6.68
N GLU B 170 -16.94 -10.08 7.03
CA GLU B 170 -17.90 -10.77 7.91
C GLU B 170 -18.09 -10.05 9.25
N LEU B 171 -17.00 -9.71 9.93
CA LEU B 171 -17.08 -9.02 11.21
C LEU B 171 -17.61 -7.61 11.09
N LEU B 172 -17.44 -6.98 9.93
CA LEU B 172 -18.06 -5.68 9.69
C LEU B 172 -19.56 -5.79 9.43
N GLY B 173 -20.09 -7.00 9.23
CA GLY B 173 -21.54 -7.24 9.02
C GLY B 173 -21.98 -7.45 7.56
N PHE B 174 -21.02 -7.75 6.66
CA PHE B 174 -21.38 -8.16 5.29
C PHE B 174 -22.13 -9.50 5.38
N PRO B 175 -23.33 -9.55 4.79
CA PRO B 175 -24.14 -10.75 5.02
C PRO B 175 -23.83 -11.86 3.99
N PHE B 176 -22.87 -12.73 4.27
CA PHE B 176 -22.55 -13.88 3.38
C PHE B 176 -23.56 -15.04 3.56
N ARG B 177 -23.89 -15.74 2.48
CA ARG B 177 -24.68 -16.98 2.48
C ARG B 177 -23.75 -18.16 2.80
#